data_3TYZ
#
_entry.id   3TYZ
#
_cell.length_a   70.179
_cell.length_b   50.522
_cell.length_c   74.668
_cell.angle_alpha   90.000
_cell.angle_beta   90.750
_cell.angle_gamma   90.000
#
_symmetry.space_group_name_H-M   'P 1 21 1'
#
loop_
_entity.id
_entity.type
_entity.pdbx_description
1 polymer '7,8-dihydropteroate synthase'
2 non-polymer 2-amino-6-methylidene-6,7-dihydropteridin-4(3H)-one
3 non-polymer 'PYROPHOSPHATE 2-'
4 non-polymer '4-AMINOBENZOIC ACID'
5 non-polymer 'MAGNESIUM ION'
6 water water
#
_entity_poly.entity_id   1
_entity_poly.type   'polypeptide(L)'
_entity_poly.pdbx_seq_one_letter_code
;GSHMHLTARGLTLDLSRPQVMGILNVTPDSFSDGGCHNNLDQALQHAQRMLSAGATLIDIGGESTRPGAAEVSEQEELDR
VVPVVEALAQRFDVWLSVDTSKAAVITESAHAGAHLINDIRSLQEPGALEAAAKTGLPVCLMHMQGQPKNMQHSPYYDDL
MTDINRFFQHHIERCVAAGIAKNKLLLDPGFGFGKNLAHNYQLLAHLSELHHFELPLLVGMSRKSMVGQLLNVPPQQRVI
GSVACAVIAAMQGAQIIRVHDVKETVEAMCIVEATRSAKG
;
_entity_poly.pdbx_strand_id   A,B
#
loop_
_chem_comp.id
_chem_comp.type
_chem_comp.name
_chem_comp.formula
MG non-polymer 'MAGNESIUM ION' 'Mg 2'
PAB non-polymer '4-AMINOBENZOIC ACID' 'C7 H7 N O2'
POP non-polymer 'PYROPHOSPHATE 2-' 'H2 O7 P2 -2'
XHP non-polymer 2-amino-6-methylidene-6,7-dihydropteridin-4(3H)-one 'C7 H7 N5 O'
#
# COMPACT_ATOMS: atom_id res chain seq x y z
N MET A 4 0.42 -18.36 18.97
CA MET A 4 0.96 -17.32 18.05
C MET A 4 1.62 -17.92 16.80
N HIS A 5 1.56 -19.25 16.67
CA HIS A 5 1.90 -19.94 15.42
C HIS A 5 0.78 -20.89 15.03
N LEU A 6 0.50 -20.97 13.74
CA LEU A 6 -0.33 -22.03 13.19
C LEU A 6 0.58 -23.24 12.89
N THR A 7 0.05 -24.44 13.03
CA THR A 7 0.82 -25.67 12.84
C THR A 7 0.05 -26.71 12.04
N ALA A 8 0.81 -27.55 11.34
CA ALA A 8 0.30 -28.67 10.57
C ALA A 8 1.47 -29.56 10.19
N ARG A 9 1.43 -30.82 10.65
CA ARG A 9 2.41 -31.85 10.27
C ARG A 9 3.87 -31.47 10.52
N GLY A 10 4.10 -30.74 11.60
CA GLY A 10 5.46 -30.35 11.98
C GLY A 10 5.88 -28.98 11.43
N LEU A 11 5.07 -28.43 10.52
CA LEU A 11 5.32 -27.08 10.03
C LEU A 11 4.70 -26.06 10.98
N THR A 12 5.31 -24.87 11.05
CA THR A 12 4.75 -23.77 11.82
C THR A 12 4.68 -22.51 10.95
N LEU A 13 3.78 -21.62 11.29
CA LEU A 13 3.62 -20.36 10.57
C LEU A 13 3.53 -19.23 11.59
N ASP A 14 4.40 -18.23 11.45
CA ASP A 14 4.43 -17.09 12.37
C ASP A 14 3.26 -16.13 12.13
N LEU A 15 2.32 -16.10 13.06
CA LEU A 15 1.15 -15.23 12.93
C LEU A 15 1.34 -13.86 13.55
N SER A 16 2.55 -13.55 14.02
CA SER A 16 2.86 -12.22 14.58
C SER A 16 3.32 -11.24 13.50
N ARG A 17 3.44 -11.74 12.27
CA ARG A 17 3.80 -10.92 11.11
C ARG A 17 3.02 -11.38 9.89
N PRO A 18 2.76 -10.45 8.94
CA PRO A 18 1.92 -10.82 7.79
C PRO A 18 2.59 -11.90 6.94
N GLN A 19 1.82 -12.93 6.61
CA GLN A 19 2.31 -14.02 5.76
C GLN A 19 1.67 -13.94 4.37
N VAL A 20 2.47 -14.17 3.33
CA VAL A 20 1.96 -14.12 1.97
C VAL A 20 1.71 -15.51 1.40
N MET A 21 0.47 -15.72 0.95
CA MET A 21 0.05 -16.94 0.30
C MET A 21 0.06 -16.69 -1.21
N GLY A 22 0.90 -17.42 -1.93
CA GLY A 22 1.01 -17.29 -3.38
C GLY A 22 -0.03 -18.14 -4.09
N ILE A 23 -0.74 -17.54 -5.04
CA ILE A 23 -1.80 -18.22 -5.77
C ILE A 23 -1.23 -19.03 -6.93
N LEU A 24 -1.52 -20.32 -6.94
CA LEU A 24 -1.18 -21.20 -8.04
C LEU A 24 -2.45 -21.82 -8.62
N ASN A 25 -2.97 -21.18 -9.66
CA ASN A 25 -4.12 -21.70 -10.38
C ASN A 25 -3.68 -22.79 -11.35
N VAL A 26 -4.28 -23.96 -11.23
CA VAL A 26 -4.04 -25.04 -12.18
C VAL A 26 -5.31 -25.29 -12.99
N THR A 27 -5.84 -24.21 -13.55
CA THR A 27 -7.10 -24.22 -14.30
C THR A 27 -6.87 -23.65 -15.70
N PRO A 28 -7.84 -23.83 -16.62
CA PRO A 28 -7.74 -23.11 -17.89
C PRO A 28 -8.46 -21.75 -17.88
N ASP A 29 -9.22 -21.48 -16.82
CA ASP A 29 -10.21 -20.40 -16.86
C ASP A 29 -10.25 -19.46 -15.65
N SER A 30 -9.25 -19.53 -14.77
CA SER A 30 -9.15 -18.58 -13.67
C SER A 30 -9.14 -17.14 -14.22
N PHE A 31 -9.76 -16.21 -13.49
CA PHE A 31 -10.12 -14.89 -14.03
C PHE A 31 -8.91 -14.03 -14.47
N SER A 32 -7.80 -14.14 -13.74
CA SER A 32 -6.62 -13.33 -14.03
CA SER A 32 -6.61 -13.34 -14.02
C SER A 32 -5.51 -14.11 -14.73
N ASP A 33 -5.45 -15.42 -14.48
CA ASP A 33 -4.32 -16.23 -14.98
C ASP A 33 -4.62 -17.63 -15.52
N GLY A 34 -5.85 -17.89 -15.96
CA GLY A 34 -6.20 -19.21 -16.50
C GLY A 34 -5.29 -19.61 -17.66
N GLY A 35 -4.82 -20.86 -17.67
CA GLY A 35 -3.96 -21.36 -18.75
C GLY A 35 -2.49 -20.96 -18.68
N CYS A 36 -2.10 -20.26 -17.62
CA CYS A 36 -0.71 -19.83 -17.47
C CYS A 36 0.14 -20.93 -16.82
N HIS A 37 -0.38 -21.51 -15.75
CA HIS A 37 0.36 -22.50 -14.95
C HIS A 37 -0.39 -23.84 -14.98
N ASN A 38 -1.07 -24.04 -16.11
CA ASN A 38 -2.00 -25.13 -16.35
C ASN A 38 -1.37 -26.52 -16.43
N ASN A 39 -0.05 -26.59 -16.58
CA ASN A 39 0.64 -27.87 -16.66
C ASN A 39 1.76 -28.02 -15.62
N LEU A 40 2.27 -29.22 -15.43
CA LEU A 40 3.13 -29.54 -14.28
C LEU A 40 4.46 -28.79 -14.19
N ASP A 41 5.29 -28.83 -15.24
CA ASP A 41 6.58 -28.13 -15.21
C ASP A 41 6.40 -26.61 -15.02
N GLN A 42 5.37 -26.03 -15.64
CA GLN A 42 5.09 -24.60 -15.48
C GLN A 42 4.57 -24.26 -14.09
N ALA A 43 3.70 -25.11 -13.55
CA ALA A 43 3.21 -24.94 -12.18
C ALA A 43 4.37 -24.96 -11.20
N LEU A 44 5.24 -25.96 -11.33
CA LEU A 44 6.40 -26.10 -10.46
C LEU A 44 7.33 -24.90 -10.53
N GLN A 45 7.52 -24.39 -11.76
CA GLN A 45 8.32 -23.21 -12.02
C GLN A 45 7.73 -21.98 -11.32
N HIS A 46 6.42 -21.79 -11.48
CA HIS A 46 5.74 -20.66 -10.87
C HIS A 46 5.76 -20.74 -9.34
N ALA A 47 5.60 -21.94 -8.81
CA ALA A 47 5.66 -22.13 -7.35
C ALA A 47 7.05 -21.77 -6.82
N GLN A 48 8.10 -22.20 -7.52
CA GLN A 48 9.45 -21.89 -7.05
C GLN A 48 9.69 -20.39 -7.08
N ARG A 49 9.21 -19.74 -8.12
CA ARG A 49 9.30 -18.29 -8.26
C ARG A 49 8.61 -17.56 -7.10
N MET A 50 7.42 -18.02 -6.71
CA MET A 50 6.70 -17.41 -5.60
C MET A 50 7.42 -17.65 -4.27
N LEU A 51 7.89 -18.88 -4.06
CA LEU A 51 8.70 -19.22 -2.89
C LEU A 51 9.92 -18.31 -2.76
N SER A 52 10.65 -18.17 -3.87
CA SER A 52 11.82 -17.30 -3.96
C SER A 52 11.50 -15.84 -3.65
N ALA A 53 10.31 -15.41 -4.09
CA ALA A 53 9.86 -14.05 -3.86
C ALA A 53 9.41 -13.84 -2.39
N GLY A 54 9.30 -14.93 -1.64
CA GLY A 54 9.05 -14.86 -0.19
C GLY A 54 7.69 -15.34 0.30
N ALA A 55 6.95 -16.06 -0.54
CA ALA A 55 5.67 -16.66 -0.11
C ALA A 55 5.94 -17.77 0.92
N THR A 56 5.12 -17.83 1.96
CA THR A 56 5.27 -18.89 2.97
C THR A 56 4.16 -19.94 2.87
N LEU A 57 3.18 -19.67 2.01
CA LEU A 57 2.18 -20.67 1.65
C LEU A 57 1.96 -20.63 0.13
N ILE A 58 1.69 -21.79 -0.46
CA ILE A 58 1.28 -21.88 -1.86
C ILE A 58 -0.14 -22.44 -1.89
N ASP A 59 -1.05 -21.68 -2.49
CA ASP A 59 -2.46 -22.08 -2.61
C ASP A 59 -2.69 -22.67 -4.01
N ILE A 60 -2.99 -23.97 -4.03
CA ILE A 60 -3.22 -24.70 -5.28
C ILE A 60 -4.71 -24.86 -5.53
N GLY A 61 -5.18 -24.30 -6.64
CA GLY A 61 -6.61 -24.31 -6.97
C GLY A 61 -6.88 -24.77 -8.37
N GLY A 62 -7.67 -25.84 -8.50
CA GLY A 62 -8.12 -26.39 -9.78
C GLY A 62 -9.59 -26.12 -10.14
N GLU A 63 -10.26 -25.27 -9.38
CA GLU A 63 -11.62 -24.83 -9.70
C GLU A 63 -11.73 -23.32 -9.63
N SER A 64 -11.98 -22.68 -10.77
CA SER A 64 -12.28 -21.25 -10.72
C SER A 64 -13.64 -21.05 -10.06
N THR A 65 -13.73 -20.03 -9.22
CA THR A 65 -14.96 -19.67 -8.53
C THR A 65 -15.29 -18.19 -8.75
N ARG A 66 -14.83 -17.65 -9.88
CA ARG A 66 -15.12 -16.27 -10.23
C ARG A 66 -16.62 -16.15 -10.54
N PRO A 67 -17.16 -14.92 -10.61
CA PRO A 67 -18.56 -14.78 -11.02
C PRO A 67 -18.84 -15.46 -12.37
N GLY A 68 -19.84 -16.34 -12.38
CA GLY A 68 -20.24 -17.08 -13.58
C GLY A 68 -19.44 -18.34 -13.88
N ALA A 69 -18.51 -18.70 -12.99
CA ALA A 69 -17.64 -19.87 -13.20
C ALA A 69 -18.42 -21.16 -13.45
N ALA A 70 -17.89 -21.97 -14.37
CA ALA A 70 -18.46 -23.28 -14.69
C ALA A 70 -18.11 -24.32 -13.62
N GLU A 71 -18.87 -25.41 -13.61
CA GLU A 71 -18.60 -26.53 -12.71
C GLU A 71 -17.44 -27.38 -13.22
N VAL A 72 -16.66 -27.93 -12.29
CA VAL A 72 -15.55 -28.83 -12.60
C VAL A 72 -15.89 -30.20 -12.00
N SER A 73 -15.70 -31.27 -12.76
CA SER A 73 -15.97 -32.62 -12.25
C SER A 73 -14.94 -33.03 -11.19
N GLU A 74 -15.32 -34.00 -10.36
CA GLU A 74 -14.44 -34.53 -9.33
C GLU A 74 -13.11 -35.01 -9.92
N GLN A 75 -13.18 -35.88 -10.92
CA GLN A 75 -11.97 -36.43 -11.53
C GLN A 75 -11.08 -35.35 -12.17
N GLU A 76 -11.72 -34.38 -12.81
CA GLU A 76 -10.98 -33.30 -13.44
C GLU A 76 -10.19 -32.49 -12.41
N GLU A 77 -10.84 -32.13 -11.31
CA GLU A 77 -10.19 -31.35 -10.26
C GLU A 77 -9.06 -32.17 -9.62
N LEU A 78 -9.32 -33.45 -9.37
CA LEU A 78 -8.27 -34.36 -8.87
C LEU A 78 -7.05 -34.38 -9.80
N ASP A 79 -7.29 -34.49 -11.10
CA ASP A 79 -6.21 -34.56 -12.10
C ASP A 79 -5.41 -33.27 -12.15
N ARG A 80 -6.07 -32.14 -11.91
CA ARG A 80 -5.41 -30.84 -11.92
C ARG A 80 -4.58 -30.65 -10.64
N VAL A 81 -5.17 -31.03 -9.50
CA VAL A 81 -4.62 -30.63 -8.21
C VAL A 81 -3.61 -31.60 -7.62
N VAL A 82 -3.98 -32.88 -7.50
CA VAL A 82 -3.16 -33.78 -6.69
C VAL A 82 -1.71 -34.02 -7.20
N PRO A 83 -1.48 -34.15 -8.53
CA PRO A 83 -0.08 -34.29 -8.96
C PRO A 83 0.76 -33.05 -8.64
N VAL A 84 0.13 -31.88 -8.57
CA VAL A 84 0.83 -30.64 -8.23
C VAL A 84 1.22 -30.62 -6.75
N VAL A 85 0.25 -30.91 -5.87
CA VAL A 85 0.49 -31.08 -4.43
C VAL A 85 1.64 -32.08 -4.19
N GLU A 86 1.57 -33.22 -4.87
CA GLU A 86 2.55 -34.29 -4.70
C GLU A 86 3.96 -33.83 -5.07
N ALA A 87 4.07 -33.13 -6.20
CA ALA A 87 5.36 -32.71 -6.72
C ALA A 87 5.96 -31.60 -5.84
N LEU A 88 5.11 -30.69 -5.38
CA LEU A 88 5.52 -29.62 -4.47
C LEU A 88 5.91 -30.16 -3.08
N ALA A 89 5.13 -31.11 -2.58
CA ALA A 89 5.38 -31.71 -1.27
C ALA A 89 6.72 -32.43 -1.25
N GLN A 90 7.09 -33.01 -2.38
CA GLN A 90 8.35 -33.74 -2.52
C GLN A 90 9.58 -32.85 -2.69
N ARG A 91 9.37 -31.59 -3.08
CA ARG A 91 10.47 -30.68 -3.39
C ARG A 91 10.70 -29.57 -2.37
N PHE A 92 9.63 -29.02 -1.79
CA PHE A 92 9.77 -27.79 -1.02
C PHE A 92 9.25 -27.86 0.41
N ASP A 93 9.95 -27.15 1.28
CA ASP A 93 9.52 -26.93 2.66
C ASP A 93 8.73 -25.64 2.74
N VAL A 94 7.42 -25.79 2.53
CA VAL A 94 6.51 -24.67 2.48
C VAL A 94 5.10 -25.21 2.78
N TRP A 95 4.23 -24.36 3.30
CA TRP A 95 2.83 -24.71 3.48
C TRP A 95 2.13 -24.87 2.13
N LEU A 96 1.44 -26.00 1.98
CA LEU A 96 0.62 -26.28 0.81
C LEU A 96 -0.86 -26.19 1.16
N SER A 97 -1.52 -25.19 0.58
CA SER A 97 -2.94 -24.96 0.75
C SER A 97 -3.65 -25.46 -0.50
N VAL A 98 -4.80 -26.09 -0.31
CA VAL A 98 -5.61 -26.54 -1.45
C VAL A 98 -6.98 -25.85 -1.47
N ASP A 99 -7.16 -25.05 -2.51
CA ASP A 99 -8.37 -24.26 -2.71
C ASP A 99 -9.39 -25.16 -3.38
N THR A 100 -10.18 -25.86 -2.57
CA THR A 100 -11.16 -26.82 -3.07
C THR A 100 -12.35 -26.93 -2.12
N SER A 101 -13.47 -27.44 -2.65
CA SER A 101 -14.66 -27.68 -1.85
C SER A 101 -15.09 -29.17 -1.87
N LYS A 102 -14.38 -29.97 -2.65
CA LYS A 102 -14.76 -31.38 -2.86
C LYS A 102 -14.10 -32.31 -1.85
N ALA A 103 -14.91 -33.21 -1.27
CA ALA A 103 -14.44 -34.19 -0.29
C ALA A 103 -13.28 -35.06 -0.80
N ALA A 104 -13.40 -35.54 -2.04
CA ALA A 104 -12.36 -36.38 -2.63
C ALA A 104 -11.04 -35.63 -2.82
N VAL A 105 -11.13 -34.36 -3.22
CA VAL A 105 -9.94 -33.52 -3.41
C VAL A 105 -9.29 -33.19 -2.06
N ILE A 106 -10.12 -32.93 -1.05
CA ILE A 106 -9.66 -32.73 0.32
C ILE A 106 -8.84 -33.95 0.80
N THR A 107 -9.40 -35.14 0.63
CA THR A 107 -8.77 -36.37 1.12
C THR A 107 -7.52 -36.78 0.33
N GLU A 108 -7.59 -36.74 -0.99
CA GLU A 108 -6.47 -37.14 -1.82
C GLU A 108 -5.30 -36.14 -1.72
N SER A 109 -5.63 -34.87 -1.56
CA SER A 109 -4.61 -33.82 -1.38
C SER A 109 -3.89 -33.98 -0.04
N ALA A 110 -4.65 -34.27 1.01
CA ALA A 110 -4.08 -34.60 2.32
C ALA A 110 -3.13 -35.79 2.20
N HIS A 111 -3.55 -36.85 1.49
CA HIS A 111 -2.68 -38.01 1.25
C HIS A 111 -1.40 -37.63 0.47
N ALA A 112 -1.52 -36.62 -0.41
CA ALA A 112 -0.41 -36.13 -1.22
C ALA A 112 0.52 -35.15 -0.47
N GLY A 113 0.13 -34.80 0.75
CA GLY A 113 1.00 -34.03 1.64
C GLY A 113 0.60 -32.59 1.91
N ALA A 114 -0.62 -32.21 1.55
CA ALA A 114 -1.12 -30.84 1.78
C ALA A 114 -1.21 -30.50 3.27
N HIS A 115 -1.21 -29.21 3.59
CA HIS A 115 -1.19 -28.73 4.99
C HIS A 115 -2.46 -28.00 5.41
N LEU A 116 -3.21 -27.47 4.45
CA LEU A 116 -4.31 -26.54 4.74
C LEU A 116 -5.42 -26.66 3.71
N ILE A 117 -6.64 -26.73 4.20
CA ILE A 117 -7.82 -26.80 3.35
C ILE A 117 -8.43 -25.40 3.25
N ASN A 118 -8.36 -24.84 2.06
CA ASN A 118 -8.93 -23.54 1.77
C ASN A 118 -10.25 -23.76 1.04
N ASP A 119 -11.35 -23.74 1.78
CA ASP A 119 -12.65 -23.97 1.17
C ASP A 119 -13.53 -22.73 1.16
N ILE A 120 -13.66 -22.12 -0.02
CA ILE A 120 -14.54 -20.95 -0.21
C ILE A 120 -16.01 -21.27 0.10
N ARG A 121 -16.35 -22.56 0.17
CA ARG A 121 -17.70 -23.02 0.53
C ARG A 121 -17.81 -23.55 1.97
N SER A 122 -16.75 -23.39 2.77
CA SER A 122 -16.79 -23.70 4.20
C SER A 122 -17.33 -25.09 4.49
N LEU A 123 -16.84 -26.08 3.75
CA LEU A 123 -17.14 -27.50 3.99
C LEU A 123 -18.64 -27.83 3.93
N GLN A 124 -19.38 -27.09 3.10
CA GLN A 124 -20.81 -27.32 2.94
C GLN A 124 -21.17 -28.35 1.87
N GLU A 125 -20.24 -28.67 0.98
CA GLU A 125 -20.50 -29.72 -0.02
C GLU A 125 -20.64 -31.10 0.64
N PRO A 126 -21.40 -32.02 0.01
CA PRO A 126 -21.55 -33.38 0.53
C PRO A 126 -20.20 -34.04 0.88
N GLY A 127 -20.06 -34.47 2.14
CA GLY A 127 -18.89 -35.22 2.60
C GLY A 127 -17.68 -34.41 3.00
N ALA A 128 -17.65 -33.12 2.66
CA ALA A 128 -16.46 -32.29 2.83
C ALA A 128 -16.09 -32.08 4.30
N LEU A 129 -17.11 -31.85 5.14
CA LEU A 129 -16.88 -31.61 6.55
C LEU A 129 -16.23 -32.83 7.21
N GLU A 130 -16.79 -34.00 6.94
CA GLU A 130 -16.27 -35.26 7.45
C GLU A 130 -14.86 -35.55 6.89
N ALA A 131 -14.67 -35.32 5.60
CA ALA A 131 -13.38 -35.52 4.95
C ALA A 131 -12.28 -34.63 5.57
N ALA A 132 -12.58 -33.35 5.75
CA ALA A 132 -11.65 -32.40 6.35
C ALA A 132 -11.33 -32.76 7.79
N ALA A 133 -12.37 -33.13 8.54
CA ALA A 133 -12.24 -33.58 9.92
C ALA A 133 -11.21 -34.70 10.02
N LYS A 134 -11.37 -35.72 9.17
CA LYS A 134 -10.50 -36.89 9.20
C LYS A 134 -9.04 -36.58 8.85
N THR A 135 -8.80 -35.51 8.08
CA THR A 135 -7.44 -35.10 7.72
C THR A 135 -6.68 -34.54 8.92
N GLY A 136 -7.42 -33.95 9.86
CA GLY A 136 -6.83 -33.29 11.03
C GLY A 136 -6.13 -31.98 10.72
N LEU A 137 -6.23 -31.54 9.47
CA LEU A 137 -5.56 -30.33 8.99
C LEU A 137 -6.34 -29.05 9.32
N PRO A 138 -5.62 -27.92 9.43
CA PRO A 138 -6.30 -26.63 9.54
C PRO A 138 -7.19 -26.38 8.32
N VAL A 139 -8.24 -25.58 8.53
CA VAL A 139 -9.24 -25.28 7.50
C VAL A 139 -9.55 -23.77 7.51
N CYS A 140 -9.59 -23.18 6.32
CA CYS A 140 -10.07 -21.79 6.18
C CYS A 140 -11.53 -21.79 5.77
N LEU A 141 -12.36 -21.16 6.59
CA LEU A 141 -13.76 -20.94 6.26
C LEU A 141 -13.94 -19.56 5.63
N MET A 142 -14.68 -19.47 4.53
CA MET A 142 -14.88 -18.18 3.86
C MET A 142 -16.36 -17.79 3.78
N HIS A 143 -16.65 -16.52 4.02
CA HIS A 143 -18.01 -15.99 3.85
C HIS A 143 -18.34 -15.77 2.38
N MET A 144 -19.55 -16.17 1.99
CA MET A 144 -20.06 -15.97 0.63
C MET A 144 -21.57 -15.85 0.73
N GLN A 145 -22.15 -14.92 -0.03
CA GLN A 145 -23.59 -14.88 -0.23
C GLN A 145 -23.89 -15.49 -1.60
N GLY A 146 -24.67 -16.56 -1.62
CA GLY A 146 -25.01 -17.26 -2.87
C GLY A 146 -23.93 -18.24 -3.32
N GLN A 147 -23.95 -18.58 -4.60
CA GLN A 147 -22.93 -19.44 -5.20
C GLN A 147 -22.23 -18.65 -6.34
N PRO A 148 -21.01 -19.07 -6.74
CA PRO A 148 -20.32 -18.34 -7.83
C PRO A 148 -21.16 -18.01 -9.07
N LYS A 149 -22.13 -18.85 -9.41
CA LYS A 149 -23.01 -18.60 -10.58
C LYS A 149 -23.93 -17.40 -10.43
N ASN A 150 -24.29 -17.07 -9.19
CA ASN A 150 -25.32 -16.05 -8.96
C ASN A 150 -24.99 -15.04 -7.86
N MET A 151 -23.80 -15.13 -7.29
CA MET A 151 -23.44 -14.28 -6.13
C MET A 151 -23.39 -12.78 -6.44
N GLN A 152 -23.09 -12.44 -7.69
CA GLN A 152 -23.03 -11.03 -8.08
C GLN A 152 -24.37 -10.48 -8.59
N HIS A 153 -25.39 -11.32 -8.67
CA HIS A 153 -26.75 -10.86 -8.94
CA HIS A 153 -26.76 -10.89 -8.93
C HIS A 153 -27.30 -10.25 -7.66
N SER A 154 -27.52 -8.94 -7.67
CA SER A 154 -28.05 -8.19 -6.49
C SER A 154 -27.55 -8.56 -5.07
N PRO A 155 -26.23 -8.40 -4.78
CA PRO A 155 -25.80 -8.61 -3.39
C PRO A 155 -26.46 -7.59 -2.46
N TYR A 156 -26.95 -8.05 -1.31
CA TYR A 156 -27.61 -7.17 -0.33
C TYR A 156 -27.38 -7.61 1.12
N TYR A 157 -27.15 -6.62 1.99
CA TYR A 157 -27.04 -6.83 3.44
C TYR A 157 -27.75 -5.74 4.24
N ASP A 158 -28.48 -6.15 5.28
CA ASP A 158 -28.97 -5.23 6.30
C ASP A 158 -27.77 -4.60 7.01
N ASP A 159 -26.85 -5.46 7.44
CA ASP A 159 -25.55 -5.01 7.97
C ASP A 159 -24.49 -6.07 7.65
N LEU A 160 -23.55 -5.69 6.78
CA LEU A 160 -22.58 -6.63 6.25
C LEU A 160 -21.80 -7.34 7.36
N MET A 161 -21.20 -6.59 8.27
CA MET A 161 -20.38 -7.19 9.32
C MET A 161 -21.18 -8.12 10.23
N THR A 162 -22.42 -7.74 10.53
CA THR A 162 -23.30 -8.60 11.31
C THR A 162 -23.51 -9.96 10.63
N ASP A 163 -23.84 -9.94 9.34
CA ASP A 163 -23.99 -11.18 8.58
C ASP A 163 -22.73 -12.06 8.58
N ILE A 164 -21.58 -11.43 8.34
CA ILE A 164 -20.32 -12.16 8.33
C ILE A 164 -20.04 -12.80 9.70
N ASN A 165 -20.22 -12.04 10.77
CA ASN A 165 -20.09 -12.58 12.14
C ASN A 165 -20.99 -13.79 12.40
N ARG A 166 -22.26 -13.69 12.02
CA ARG A 166 -23.20 -14.79 12.20
C ARG A 166 -22.82 -16.03 11.37
N PHE A 167 -22.35 -15.79 10.15
CA PHE A 167 -21.92 -16.87 9.27
C PHE A 167 -20.76 -17.65 9.91
N PHE A 168 -19.76 -16.91 10.37
CA PHE A 168 -18.58 -17.48 10.97
C PHE A 168 -18.93 -18.19 12.28
N GLN A 169 -19.77 -17.57 13.10
CA GLN A 169 -20.21 -18.22 14.34
C GLN A 169 -20.88 -19.56 14.05
N HIS A 170 -21.80 -19.58 13.08
CA HIS A 170 -22.52 -20.80 12.70
C HIS A 170 -21.57 -21.90 12.20
N HIS A 171 -20.62 -21.53 11.35
CA HIS A 171 -19.77 -22.51 10.74
C HIS A 171 -18.62 -22.98 11.62
N ILE A 172 -18.16 -22.12 12.52
CA ILE A 172 -17.21 -22.51 13.54
C ILE A 172 -17.85 -23.62 14.39
N GLU A 173 -19.13 -23.43 14.73
CA GLU A 173 -19.87 -24.42 15.52
C GLU A 173 -19.99 -25.78 14.81
N ARG A 174 -20.36 -25.76 13.52
CA ARG A 174 -20.37 -26.97 12.68
C ARG A 174 -19.04 -27.71 12.72
N CYS A 175 -17.95 -26.97 12.51
CA CYS A 175 -16.62 -27.57 12.46
C CYS A 175 -16.23 -28.22 13.78
N VAL A 176 -16.47 -27.50 14.88
CA VAL A 176 -16.15 -27.98 16.22
C VAL A 176 -16.94 -29.24 16.56
N ALA A 177 -18.25 -29.21 16.28
CA ALA A 177 -19.11 -30.36 16.53
C ALA A 177 -18.69 -31.57 15.70
N ALA A 178 -18.04 -31.32 14.56
CA ALA A 178 -17.57 -32.40 13.71
C ALA A 178 -16.18 -32.90 14.13
N GLY A 179 -15.64 -32.36 15.22
CA GLY A 179 -14.32 -32.75 15.72
C GLY A 179 -13.11 -31.96 15.22
N ILE A 180 -13.35 -30.84 14.51
CA ILE A 180 -12.26 -29.96 14.14
C ILE A 180 -12.08 -28.94 15.26
N ALA A 181 -10.92 -28.97 15.92
CA ALA A 181 -10.60 -28.02 16.98
C ALA A 181 -10.72 -26.57 16.48
N LYS A 182 -11.30 -25.71 17.32
CA LYS A 182 -11.43 -24.30 17.00
C LYS A 182 -10.08 -23.72 16.56
N ASN A 183 -9.01 -24.06 17.26
CA ASN A 183 -7.70 -23.50 16.92
C ASN A 183 -7.10 -23.99 15.59
N LYS A 184 -7.83 -24.85 14.89
CA LYS A 184 -7.42 -25.32 13.56
C LYS A 184 -8.09 -24.49 12.45
N LEU A 185 -8.86 -23.48 12.84
CA LEU A 185 -9.70 -22.75 11.90
C LEU A 185 -9.14 -21.38 11.52
N LEU A 186 -9.33 -21.00 10.27
CA LEU A 186 -9.02 -19.65 9.82
C LEU A 186 -10.26 -19.01 9.21
N LEU A 187 -10.37 -17.69 9.30
CA LEU A 187 -11.55 -16.99 8.79
C LEU A 187 -11.20 -16.02 7.66
N ASP A 188 -11.99 -16.10 6.60
CA ASP A 188 -11.84 -15.24 5.44
C ASP A 188 -13.20 -14.62 5.12
N PRO A 189 -13.30 -13.29 5.19
CA PRO A 189 -14.60 -12.68 4.95
C PRO A 189 -15.05 -12.71 3.47
N GLY A 190 -14.21 -13.22 2.56
CA GLY A 190 -14.60 -13.45 1.16
C GLY A 190 -14.90 -12.21 0.33
N PHE A 191 -13.87 -11.38 0.12
CA PHE A 191 -13.96 -10.24 -0.77
C PHE A 191 -14.41 -10.67 -2.19
N GLY A 192 -15.40 -9.97 -2.72
CA GLY A 192 -15.92 -10.23 -4.07
C GLY A 192 -16.93 -11.36 -4.17
N PHE A 193 -17.16 -12.06 -3.06
CA PHE A 193 -18.07 -13.20 -3.06
C PHE A 193 -19.45 -12.80 -2.51
N GLY A 194 -20.35 -12.38 -3.40
CA GLY A 194 -21.68 -11.91 -3.02
C GLY A 194 -21.61 -10.55 -2.35
N LYS A 195 -20.74 -9.70 -2.88
CA LYS A 195 -20.51 -8.37 -2.33
C LYS A 195 -20.26 -7.40 -3.49
N ASN A 196 -21.00 -6.29 -3.50
CA ASN A 196 -20.78 -5.24 -4.49
C ASN A 196 -19.59 -4.37 -4.10
N LEU A 197 -19.28 -3.36 -4.90
CA LEU A 197 -18.10 -2.51 -4.66
C LEU A 197 -18.11 -1.84 -3.28
N ALA A 198 -19.25 -1.24 -2.93
CA ALA A 198 -19.46 -0.63 -1.61
C ALA A 198 -19.25 -1.64 -0.48
N HIS A 199 -19.87 -2.81 -0.59
CA HIS A 199 -19.71 -3.86 0.42
C HIS A 199 -18.23 -4.19 0.64
N ASN A 200 -17.49 -4.38 -0.46
CA ASN A 200 -16.09 -4.76 -0.38
C ASN A 200 -15.24 -3.75 0.40
N TYR A 201 -15.46 -2.47 0.14
CA TYR A 201 -14.70 -1.43 0.84
C TYR A 201 -15.16 -1.17 2.25
N GLN A 202 -16.45 -1.37 2.49
CA GLN A 202 -16.98 -1.38 3.85
C GLN A 202 -16.29 -2.48 4.67
N LEU A 203 -16.23 -3.69 4.11
CA LEU A 203 -15.55 -4.80 4.75
C LEU A 203 -14.06 -4.50 4.98
N LEU A 204 -13.38 -3.97 3.97
CA LEU A 204 -11.96 -3.67 4.12
C LEU A 204 -11.73 -2.64 5.24
N ALA A 205 -12.59 -1.62 5.27
CA ALA A 205 -12.54 -0.58 6.29
C ALA A 205 -12.80 -1.10 7.71
N HIS A 206 -13.57 -2.18 7.83
CA HIS A 206 -14.01 -2.70 9.14
C HIS A 206 -13.36 -4.04 9.50
N LEU A 207 -12.32 -4.40 8.76
CA LEU A 207 -11.73 -5.75 8.85
C LEU A 207 -11.28 -6.15 10.26
N SER A 208 -10.69 -5.21 10.99
CA SER A 208 -10.19 -5.44 12.36
C SER A 208 -11.25 -5.95 13.34
N GLU A 209 -12.51 -5.68 13.06
CA GLU A 209 -13.61 -6.14 13.90
C GLU A 209 -13.70 -7.67 13.94
N LEU A 210 -13.19 -8.33 12.91
CA LEU A 210 -13.25 -9.79 12.86
C LEU A 210 -12.26 -10.52 13.77
N HIS A 211 -11.30 -9.79 14.31
CA HIS A 211 -10.35 -10.35 15.28
C HIS A 211 -11.00 -10.89 16.57
N HIS A 212 -12.24 -10.48 16.84
CA HIS A 212 -12.92 -10.88 18.08
C HIS A 212 -13.08 -12.39 18.24
N PHE A 213 -13.10 -13.12 17.12
CA PHE A 213 -13.17 -14.59 17.15
C PHE A 213 -11.87 -15.21 17.66
N GLU A 214 -10.81 -14.40 17.74
CA GLU A 214 -9.45 -14.84 18.11
C GLU A 214 -8.90 -15.94 17.20
N LEU A 215 -9.28 -15.87 15.92
CA LEU A 215 -8.76 -16.78 14.93
C LEU A 215 -7.99 -16.02 13.86
N PRO A 216 -7.03 -16.67 13.17
CA PRO A 216 -6.30 -15.97 12.12
C PRO A 216 -7.22 -15.57 10.97
N LEU A 217 -6.97 -14.39 10.43
CA LEU A 217 -7.68 -13.88 9.27
C LEU A 217 -6.85 -14.07 8.00
N LEU A 218 -7.53 -14.57 6.96
CA LEU A 218 -6.95 -14.71 5.63
C LEU A 218 -7.83 -13.85 4.73
N VAL A 219 -7.21 -13.06 3.86
CA VAL A 219 -7.95 -12.20 2.94
C VAL A 219 -7.42 -12.39 1.52
N GLY A 220 -8.32 -12.31 0.54
CA GLY A 220 -7.94 -12.38 -0.86
C GLY A 220 -8.62 -11.32 -1.71
N MET A 221 -7.86 -10.29 -2.06
CA MET A 221 -8.38 -9.17 -2.84
C MET A 221 -7.64 -9.04 -4.17
N SER A 222 -6.60 -9.86 -4.31
CA SER A 222 -5.62 -9.73 -5.40
C SER A 222 -6.26 -9.72 -6.78
N ARG A 223 -6.05 -8.62 -7.51
CA ARG A 223 -6.52 -8.42 -8.90
C ARG A 223 -8.04 -8.48 -9.12
N LYS A 224 -8.80 -8.46 -8.04
CA LYS A 224 -10.26 -8.60 -8.14
C LYS A 224 -10.94 -7.34 -8.70
N SER A 225 -12.22 -7.48 -9.02
CA SER A 225 -13.02 -6.39 -9.56
C SER A 225 -13.14 -5.22 -8.57
N MET A 226 -13.02 -5.47 -7.26
CA MET A 226 -13.03 -4.37 -6.29
C MET A 226 -11.87 -3.39 -6.55
N VAL A 227 -10.80 -3.90 -7.16
CA VAL A 227 -9.73 -3.04 -7.65
C VAL A 227 -10.03 -2.58 -9.09
N GLY A 228 -10.37 -3.55 -9.95
CA GLY A 228 -10.67 -3.28 -11.36
C GLY A 228 -11.71 -2.20 -11.61
N GLN A 229 -12.80 -2.23 -10.84
CA GLN A 229 -13.88 -1.24 -10.97
C GLN A 229 -13.48 0.18 -10.58
N LEU A 230 -12.50 0.32 -9.68
CA LEU A 230 -11.97 1.64 -9.28
C LEU A 230 -10.95 2.21 -10.24
N LEU A 231 -10.04 1.37 -10.71
CA LEU A 231 -8.94 1.85 -11.54
C LEU A 231 -9.27 1.74 -13.03
N ASN A 232 -10.26 0.92 -13.37
CA ASN A 232 -10.61 0.68 -14.78
C ASN A 232 -9.40 0.21 -15.60
N VAL A 233 -8.82 -0.90 -15.16
CA VAL A 233 -7.65 -1.51 -15.79
C VAL A 233 -7.84 -3.03 -15.81
N PRO A 234 -7.23 -3.73 -16.78
CA PRO A 234 -7.34 -5.19 -16.80
C PRO A 234 -6.64 -5.84 -15.60
N PRO A 235 -6.95 -7.12 -15.31
CA PRO A 235 -6.45 -7.82 -14.13
C PRO A 235 -4.94 -7.74 -13.94
N GLN A 236 -4.16 -7.96 -15.00
CA GLN A 236 -2.69 -7.91 -14.91
C GLN A 236 -2.12 -6.53 -14.56
N GLN A 237 -2.93 -5.48 -14.69
CA GLN A 237 -2.49 -4.13 -14.35
C GLN A 237 -3.00 -3.66 -12.98
N ARG A 238 -3.44 -4.59 -12.16
CA ARG A 238 -4.01 -4.25 -10.85
C ARG A 238 -3.05 -4.50 -9.69
N VAL A 239 -1.76 -4.66 -10.00
CA VAL A 239 -0.78 -4.99 -8.96
C VAL A 239 -0.73 -3.93 -7.86
N ILE A 240 -0.64 -2.65 -8.24
CA ILE A 240 -0.57 -1.56 -7.27
C ILE A 240 -1.81 -1.49 -6.37
N GLY A 241 -2.99 -1.50 -7.01
CA GLY A 241 -4.27 -1.47 -6.29
C GLY A 241 -4.38 -2.64 -5.33
N SER A 242 -3.98 -3.81 -5.82
CA SER A 242 -3.97 -5.04 -5.00
C SER A 242 -3.04 -4.91 -3.80
N VAL A 243 -1.85 -4.33 -4.03
CA VAL A 243 -0.88 -4.15 -2.96
C VAL A 243 -1.42 -3.16 -1.90
N ALA A 244 -2.06 -2.09 -2.37
CA ALA A 244 -2.68 -1.12 -1.47
C ALA A 244 -3.68 -1.79 -0.54
N CYS A 245 -4.57 -2.61 -1.11
CA CYS A 245 -5.54 -3.40 -0.34
C CYS A 245 -4.84 -4.31 0.69
N ALA A 246 -3.75 -4.97 0.27
CA ALA A 246 -2.95 -5.82 1.15
C ALA A 246 -2.38 -5.03 2.33
N VAL A 247 -1.89 -3.83 2.06
CA VAL A 247 -1.30 -2.97 3.09
C VAL A 247 -2.37 -2.54 4.13
N ILE A 248 -3.53 -2.13 3.64
CA ILE A 248 -4.66 -1.75 4.50
C ILE A 248 -5.12 -2.92 5.38
N ALA A 249 -5.27 -4.09 4.76
CA ALA A 249 -5.66 -5.29 5.48
C ALA A 249 -4.61 -5.68 6.53
N ALA A 250 -3.33 -5.68 6.13
CA ALA A 250 -2.26 -6.04 7.05
C ALA A 250 -2.09 -5.05 8.21
N MET A 251 -2.29 -3.76 7.94
CA MET A 251 -2.24 -2.73 8.99
C MET A 251 -3.31 -2.95 10.06
N GLN A 252 -4.40 -3.63 9.69
CA GLN A 252 -5.46 -4.01 10.62
C GLN A 252 -5.24 -5.41 11.19
N GLY A 253 -4.04 -5.94 10.97
CA GLY A 253 -3.65 -7.21 11.56
C GLY A 253 -4.07 -8.50 10.87
N ALA A 254 -4.56 -8.43 9.63
CA ALA A 254 -4.84 -9.66 8.86
C ALA A 254 -3.56 -10.46 8.70
N GLN A 255 -3.61 -11.75 9.02
CA GLN A 255 -2.36 -12.51 9.17
C GLN A 255 -1.85 -13.13 7.88
N ILE A 256 -2.77 -13.54 7.01
CA ILE A 256 -2.41 -14.16 5.75
C ILE A 256 -3.04 -13.43 4.56
N ILE A 257 -2.20 -13.07 3.58
CA ILE A 257 -2.63 -12.34 2.40
C ILE A 257 -2.46 -13.21 1.17
N ARG A 258 -3.57 -13.50 0.50
CA ARG A 258 -3.60 -14.38 -0.66
C ARG A 258 -3.47 -13.56 -1.96
N VAL A 259 -2.37 -13.73 -2.69
CA VAL A 259 -2.03 -12.83 -3.81
C VAL A 259 -1.44 -13.53 -5.03
N HIS A 260 -1.60 -12.90 -6.21
CA HIS A 260 -0.95 -13.36 -7.44
C HIS A 260 0.48 -12.86 -7.52
N ASP A 261 0.71 -11.67 -7.00
CA ASP A 261 1.96 -10.93 -7.19
C ASP A 261 2.76 -10.93 -5.90
N VAL A 262 3.51 -12.03 -5.69
CA VAL A 262 4.14 -12.31 -4.40
C VAL A 262 5.24 -11.33 -4.03
N LYS A 263 6.20 -11.11 -4.93
CA LYS A 263 7.33 -10.21 -4.67
C LYS A 263 6.89 -8.82 -4.17
N GLU A 264 5.99 -8.19 -4.91
CA GLU A 264 5.46 -6.89 -4.55
C GLU A 264 4.79 -6.91 -3.16
N THR A 265 3.92 -7.89 -2.95
CA THR A 265 3.21 -8.02 -1.66
C THR A 265 4.18 -8.20 -0.49
N VAL A 266 5.17 -9.07 -0.67
CA VAL A 266 6.21 -9.30 0.34
C VAL A 266 6.97 -8.01 0.67
N GLU A 267 7.32 -7.24 -0.36
CA GLU A 267 8.00 -5.96 -0.14
C GLU A 267 7.12 -5.02 0.68
N ALA A 268 5.85 -4.92 0.31
CA ALA A 268 4.92 -4.09 1.06
C ALA A 268 4.75 -4.57 2.51
N MET A 269 4.73 -5.88 2.72
CA MET A 269 4.55 -6.45 4.08
C MET A 269 5.73 -6.12 5.00
N CYS A 270 6.92 -5.97 4.41
CA CYS A 270 8.11 -5.52 5.13
CA CYS A 270 8.09 -5.55 5.14
C CYS A 270 7.90 -4.14 5.73
N ILE A 271 7.38 -3.24 4.91
CA ILE A 271 7.08 -1.87 5.33
C ILE A 271 6.00 -1.85 6.41
N VAL A 272 4.96 -2.68 6.26
CA VAL A 272 3.90 -2.83 7.24
C VAL A 272 4.47 -3.30 8.57
N GLU A 273 5.29 -4.34 8.50
CA GLU A 273 5.89 -4.98 9.66
C GLU A 273 6.77 -3.99 10.43
N ALA A 274 7.57 -3.22 9.70
CA ALA A 274 8.41 -2.20 10.32
C ALA A 274 7.56 -1.10 10.95
N THR A 275 6.40 -0.79 10.37
CA THR A 275 5.50 0.21 10.92
C THR A 275 4.80 -0.28 12.20
N ARG A 276 4.30 -1.51 12.16
CA ARG A 276 3.56 -2.07 13.30
C ARG A 276 4.45 -2.29 14.53
N SER A 277 5.70 -2.66 14.29
CA SER A 277 6.63 -2.96 15.38
CA SER A 277 6.67 -2.96 15.35
C SER A 277 7.27 -1.72 16.01
N ALA A 278 6.93 -0.54 15.50
CA ALA A 278 7.50 0.71 15.99
C ALA A 278 6.57 1.42 17.00
N MET B 4 -8.75 20.43 4.49
CA MET B 4 -10.11 20.37 3.89
C MET B 4 -10.20 21.04 2.52
N HIS B 5 -9.68 22.27 2.43
CA HIS B 5 -9.87 23.12 1.26
C HIS B 5 -8.78 24.21 1.27
N LEU B 6 -7.83 24.09 0.32
CA LEU B 6 -6.75 25.06 0.16
C LEU B 6 -6.84 25.76 -1.20
N THR B 7 -6.59 27.07 -1.23
CA THR B 7 -6.59 27.83 -2.48
C THR B 7 -5.41 28.80 -2.57
N ALA B 8 -4.96 29.06 -3.80
CA ALA B 8 -3.95 30.08 -4.09
C ALA B 8 -3.97 30.36 -5.58
N ARG B 9 -3.81 31.63 -5.95
CA ARG B 9 -3.83 32.07 -7.34
C ARG B 9 -5.10 31.68 -8.10
N GLY B 10 -6.21 31.58 -7.36
CA GLY B 10 -7.51 31.21 -7.93
C GLY B 10 -7.67 29.75 -8.26
N LEU B 11 -6.84 28.89 -7.66
CA LEU B 11 -6.95 27.44 -7.86
C LEU B 11 -7.24 26.75 -6.53
N THR B 12 -8.16 25.79 -6.56
CA THR B 12 -8.62 25.12 -5.33
C THR B 12 -8.11 23.70 -5.19
N LEU B 13 -7.25 23.49 -4.19
CA LEU B 13 -6.76 22.16 -3.87
C LEU B 13 -7.70 21.52 -2.86
N ASP B 14 -8.41 20.49 -3.29
CA ASP B 14 -9.28 19.73 -2.39
C ASP B 14 -8.38 18.88 -1.52
N LEU B 15 -8.53 19.03 -0.21
CA LEU B 15 -7.73 18.26 0.73
C LEU B 15 -8.59 17.33 1.58
N SER B 16 -9.80 17.05 1.11
CA SER B 16 -10.67 16.04 1.72
C SER B 16 -10.30 14.65 1.21
N ARG B 17 -9.49 14.60 0.15
CA ARG B 17 -8.99 13.35 -0.42
C ARG B 17 -7.49 13.47 -0.66
N PRO B 18 -6.75 12.34 -0.59
CA PRO B 18 -5.28 12.45 -0.68
C PRO B 18 -4.81 12.99 -2.04
N GLN B 19 -3.90 13.97 -2.01
CA GLN B 19 -3.37 14.58 -3.22
C GLN B 19 -1.94 14.13 -3.47
N VAL B 20 -1.59 13.94 -4.73
CA VAL B 20 -0.27 13.46 -5.09
C VAL B 20 0.57 14.60 -5.64
N MET B 21 1.70 14.86 -4.99
CA MET B 21 2.66 15.86 -5.44
C MET B 21 3.78 15.17 -6.21
N GLY B 22 3.92 15.50 -7.48
CA GLY B 22 4.94 14.89 -8.34
C GLY B 22 6.27 15.62 -8.26
N ILE B 23 7.36 14.86 -8.06
CA ILE B 23 8.70 15.40 -7.90
C ILE B 23 9.40 15.65 -9.24
N LEU B 24 9.83 16.90 -9.45
CA LEU B 24 10.65 17.27 -10.60
C LEU B 24 11.99 17.84 -10.13
N ASN B 25 13.01 16.99 -10.09
CA ASN B 25 14.36 17.39 -9.69
C ASN B 25 15.09 17.97 -10.90
N VAL B 26 15.47 19.24 -10.80
CA VAL B 26 16.22 19.92 -11.86
C VAL B 26 17.68 20.10 -11.42
N THR B 27 18.31 18.96 -11.10
CA THR B 27 19.66 18.90 -10.55
C THR B 27 20.44 17.81 -11.26
N PRO B 28 21.79 17.84 -11.15
CA PRO B 28 22.57 16.72 -11.67
C PRO B 28 22.81 15.60 -10.65
N ASP B 29 22.46 15.83 -9.38
CA ASP B 29 22.93 14.95 -8.31
C ASP B 29 21.88 14.48 -7.29
N SER B 30 20.60 14.75 -7.53
CA SER B 30 19.53 14.22 -6.68
C SER B 30 19.68 12.72 -6.47
N PHE B 31 19.32 12.24 -5.28
CA PHE B 31 19.68 10.87 -4.84
C PHE B 31 19.15 9.72 -5.71
N SER B 32 17.97 9.88 -6.30
CA SER B 32 17.37 8.80 -7.11
C SER B 32 17.34 9.08 -8.61
N ASP B 33 17.49 10.35 -8.99
CA ASP B 33 17.24 10.76 -10.39
C ASP B 33 18.03 11.98 -10.90
N GLY B 34 19.10 12.35 -10.21
CA GLY B 34 19.92 13.49 -10.63
C GLY B 34 20.46 13.28 -12.03
N GLY B 35 20.27 14.29 -12.89
CA GLY B 35 20.69 14.20 -14.30
C GLY B 35 19.64 13.74 -15.29
N CYS B 36 18.55 13.15 -14.78
CA CYS B 36 17.48 12.61 -15.64
C CYS B 36 16.67 13.70 -16.34
N HIS B 37 16.09 14.60 -15.55
CA HIS B 37 15.22 15.66 -16.04
C HIS B 37 15.93 17.00 -15.85
N ASN B 38 17.24 16.95 -16.13
CA ASN B 38 18.19 18.01 -15.85
C ASN B 38 18.25 19.14 -16.89
N ASN B 39 17.42 19.05 -17.94
CA ASN B 39 17.31 20.13 -18.93
C ASN B 39 15.86 20.48 -19.26
N LEU B 40 15.65 21.66 -19.87
CA LEU B 40 14.31 22.24 -20.01
C LEU B 40 13.29 21.30 -20.65
N ASP B 41 13.56 20.89 -21.88
CA ASP B 41 12.65 20.02 -22.65
C ASP B 41 12.27 18.75 -21.92
N GLN B 42 13.24 18.17 -21.21
CA GLN B 42 13.01 16.93 -20.46
C GLN B 42 12.33 17.17 -19.12
N ALA B 43 12.53 18.37 -18.56
CA ALA B 43 11.78 18.79 -17.38
C ALA B 43 10.31 18.94 -17.72
N LEU B 44 10.04 19.61 -18.85
CA LEU B 44 8.68 19.81 -19.35
C LEU B 44 8.04 18.50 -19.75
N GLN B 45 8.86 17.59 -20.27
CA GLN B 45 8.44 16.26 -20.67
C GLN B 45 7.99 15.47 -19.45
N HIS B 46 8.82 15.48 -18.42
CA HIS B 46 8.57 14.70 -17.21
C HIS B 46 7.36 15.23 -16.43
N ALA B 47 7.16 16.54 -16.47
CA ALA B 47 6.02 17.17 -15.78
C ALA B 47 4.69 16.81 -16.44
N GLN B 48 4.69 16.76 -17.78
CA GLN B 48 3.52 16.32 -18.54
C GLN B 48 3.10 14.89 -18.16
N ARG B 49 4.08 14.00 -18.08
CA ARG B 49 3.83 12.60 -17.76
C ARG B 49 3.22 12.44 -16.37
N MET B 50 3.73 13.22 -15.41
CA MET B 50 3.19 13.23 -14.05
C MET B 50 1.77 13.78 -14.01
N LEU B 51 1.50 14.82 -14.80
CA LEU B 51 0.15 15.38 -14.92
C LEU B 51 -0.86 14.38 -15.47
N SER B 52 -0.52 13.71 -16.57
CA SER B 52 -1.36 12.65 -17.15
C SER B 52 -1.63 11.50 -16.17
N ALA B 53 -0.70 11.27 -15.25
CA ALA B 53 -0.81 10.17 -14.30
C ALA B 53 -1.65 10.54 -13.07
N GLY B 54 -2.07 11.80 -12.98
CA GLY B 54 -2.99 12.25 -11.93
C GLY B 54 -2.42 13.13 -10.83
N ALA B 55 -1.18 13.60 -10.99
CA ALA B 55 -0.57 14.52 -10.03
C ALA B 55 -1.30 15.85 -10.04
N THR B 56 -1.59 16.36 -8.85
CA THR B 56 -2.27 17.65 -8.75
C THR B 56 -1.34 18.75 -8.24
N LEU B 57 -0.09 18.39 -7.97
CA LEU B 57 0.96 19.36 -7.67
C LEU B 57 2.23 18.89 -8.34
N ILE B 58 2.99 19.85 -8.90
CA ILE B 58 4.32 19.57 -9.43
C ILE B 58 5.33 20.31 -8.58
N ASP B 59 6.24 19.55 -7.96
CA ASP B 59 7.25 20.10 -7.07
C ASP B 59 8.59 20.22 -7.78
N ILE B 60 9.06 21.45 -7.92
CA ILE B 60 10.30 21.77 -8.62
C ILE B 60 11.42 22.06 -7.62
N GLY B 61 12.53 21.36 -7.75
CA GLY B 61 13.64 21.46 -6.80
C GLY B 61 14.99 21.52 -7.46
N GLY B 62 15.71 22.62 -7.22
CA GLY B 62 17.05 22.83 -7.79
C GLY B 62 18.20 22.60 -6.81
N GLU B 63 17.90 22.05 -5.64
CA GLU B 63 18.93 21.78 -4.64
C GLU B 63 18.68 20.44 -3.95
N SER B 64 19.45 19.42 -4.32
CA SER B 64 19.39 18.16 -3.58
C SER B 64 19.77 18.42 -2.13
N THR B 65 19.05 17.77 -1.22
CA THR B 65 19.30 17.91 0.22
C THR B 65 19.46 16.53 0.86
N ARG B 66 19.86 15.55 0.05
CA ARG B 66 20.18 14.21 0.51
C ARG B 66 21.33 14.29 1.52
N PRO B 67 21.45 13.29 2.42
CA PRO B 67 22.56 13.26 3.38
C PRO B 67 23.90 13.42 2.68
N GLY B 68 24.68 14.41 3.11
CA GLY B 68 25.97 14.70 2.49
C GLY B 68 25.93 15.54 1.23
N ALA B 69 24.77 16.09 0.89
CA ALA B 69 24.65 16.96 -0.31
C ALA B 69 25.60 18.16 -0.25
N ALA B 70 26.10 18.58 -1.42
CA ALA B 70 26.93 19.78 -1.53
C ALA B 70 26.06 21.04 -1.65
N GLU B 71 26.63 22.19 -1.26
CA GLU B 71 25.95 23.47 -1.42
C GLU B 71 25.78 23.83 -2.88
N VAL B 72 24.73 24.60 -3.18
CA VAL B 72 24.54 25.11 -4.53
C VAL B 72 24.41 26.62 -4.47
N SER B 73 25.19 27.30 -5.32
CA SER B 73 25.21 28.78 -5.38
C SER B 73 23.83 29.34 -5.68
N GLU B 74 23.59 30.58 -5.25
CA GLU B 74 22.33 31.28 -5.51
C GLU B 74 22.07 31.40 -7.01
N GLN B 75 23.11 31.79 -7.75
CA GLN B 75 23.01 32.00 -9.20
C GLN B 75 22.73 30.70 -9.93
N GLU B 76 23.32 29.61 -9.43
CA GLU B 76 23.13 28.27 -9.98
C GLU B 76 21.70 27.75 -9.77
N GLU B 77 21.14 28.03 -8.58
CA GLU B 77 19.78 27.59 -8.27
C GLU B 77 18.73 28.30 -9.12
N LEU B 78 18.84 29.62 -9.23
CA LEU B 78 17.93 30.44 -10.05
C LEU B 78 17.90 29.95 -11.50
N ASP B 79 19.07 29.59 -12.03
CA ASP B 79 19.21 29.12 -13.41
C ASP B 79 18.53 27.77 -13.64
N ARG B 80 18.58 26.90 -12.63
CA ARG B 80 17.94 25.59 -12.70
C ARG B 80 16.42 25.68 -12.60
N VAL B 81 15.93 26.51 -11.66
CA VAL B 81 14.51 26.47 -11.26
C VAL B 81 13.57 27.40 -12.02
N VAL B 82 13.92 28.69 -12.11
CA VAL B 82 12.96 29.71 -12.58
C VAL B 82 12.50 29.57 -14.05
N PRO B 83 13.41 29.20 -14.99
CA PRO B 83 12.96 28.93 -16.36
C PRO B 83 12.02 27.73 -16.49
N VAL B 84 12.09 26.78 -15.55
CA VAL B 84 11.18 25.64 -15.53
C VAL B 84 9.82 26.05 -14.98
N VAL B 85 9.82 26.79 -13.86
CA VAL B 85 8.59 27.33 -13.27
C VAL B 85 7.83 28.11 -14.33
N GLU B 86 8.55 29.04 -14.96
CA GLU B 86 8.01 29.89 -16.02
C GLU B 86 7.30 29.08 -17.09
N ALA B 87 8.01 28.09 -17.64
CA ALA B 87 7.50 27.28 -18.74
C ALA B 87 6.29 26.42 -18.33
N LEU B 88 6.31 25.96 -17.07
CA LEU B 88 5.22 25.17 -16.52
C LEU B 88 3.97 25.98 -16.22
N ALA B 89 4.16 27.19 -15.70
CA ALA B 89 3.06 28.11 -15.41
C ALA B 89 2.39 28.57 -16.70
N GLN B 90 3.21 28.87 -17.70
CA GLN B 90 2.71 29.32 -19.01
C GLN B 90 2.13 28.17 -19.84
N ARG B 91 2.23 26.95 -19.33
CA ARG B 91 1.75 25.78 -20.09
C ARG B 91 0.67 24.94 -19.41
N PHE B 92 0.72 24.80 -18.09
CA PHE B 92 -0.20 23.88 -17.37
C PHE B 92 -1.06 24.52 -16.29
N ASP B 93 -2.28 23.99 -16.15
CA ASP B 93 -3.23 24.44 -15.14
C ASP B 93 -3.14 23.54 -13.91
N VAL B 94 -2.07 23.72 -13.14
CA VAL B 94 -1.80 22.87 -11.96
C VAL B 94 -1.01 23.67 -10.91
N TRP B 95 -1.11 23.26 -9.65
CA TRP B 95 -0.33 23.84 -8.57
C TRP B 95 1.16 23.62 -8.81
N LEU B 96 1.93 24.69 -8.74
CA LEU B 96 3.38 24.59 -8.83
C LEU B 96 4.00 24.79 -7.45
N SER B 97 4.85 23.85 -7.06
CA SER B 97 5.56 23.93 -5.80
C SER B 97 7.04 24.10 -6.07
N VAL B 98 7.68 25.02 -5.33
CA VAL B 98 9.13 25.17 -5.41
C VAL B 98 9.81 24.67 -4.15
N ASP B 99 10.70 23.70 -4.33
CA ASP B 99 11.47 23.13 -3.25
C ASP B 99 12.77 23.90 -3.12
N THR B 100 12.70 25.01 -2.39
CA THR B 100 13.85 25.92 -2.24
C THR B 100 13.93 26.49 -0.83
N SER B 101 15.12 27.01 -0.49
CA SER B 101 15.33 27.63 0.81
C SER B 101 15.80 29.08 0.67
N LYS B 102 16.18 29.45 -0.56
CA LYS B 102 16.77 30.76 -0.82
C LYS B 102 15.73 31.83 -1.15
N ALA B 103 15.85 32.97 -0.47
CA ALA B 103 14.94 34.11 -0.63
C ALA B 103 14.80 34.54 -2.09
N ALA B 104 15.93 34.65 -2.79
CA ALA B 104 15.95 35.04 -4.20
C ALA B 104 15.15 34.06 -5.04
N VAL B 105 15.29 32.78 -4.72
CA VAL B 105 14.57 31.71 -5.41
C VAL B 105 13.08 31.76 -5.10
N ILE B 106 12.73 32.05 -3.84
CA ILE B 106 11.34 32.21 -3.44
C ILE B 106 10.67 33.33 -4.24
N THR B 107 11.27 34.53 -4.16
CA THR B 107 10.76 35.72 -4.83
C THR B 107 10.63 35.51 -6.35
N GLU B 108 11.73 35.13 -6.98
CA GLU B 108 11.77 34.99 -8.44
C GLU B 108 10.89 33.84 -8.96
N SER B 109 10.73 32.79 -8.16
CA SER B 109 9.82 31.68 -8.52
C SER B 109 8.36 32.10 -8.42
N ALA B 110 8.04 32.90 -7.40
CA ALA B 110 6.69 33.45 -7.25
C ALA B 110 6.37 34.38 -8.43
N HIS B 111 7.32 35.24 -8.77
CA HIS B 111 7.18 36.13 -9.92
C HIS B 111 6.88 35.34 -11.21
N ALA B 112 7.54 34.20 -11.35
CA ALA B 112 7.38 33.29 -12.50
C ALA B 112 6.08 32.47 -12.49
N GLY B 113 5.35 32.51 -11.38
CA GLY B 113 3.99 31.96 -11.33
C GLY B 113 3.73 30.77 -10.43
N ALA B 114 4.62 30.53 -9.47
CA ALA B 114 4.50 29.40 -8.53
C ALA B 114 3.30 29.55 -7.58
N HIS B 115 2.86 28.43 -7.00
CA HIS B 115 1.67 28.41 -6.12
C HIS B 115 1.99 28.10 -4.67
N LEU B 116 3.08 27.36 -4.43
CA LEU B 116 3.42 26.90 -3.09
C LEU B 116 4.92 26.94 -2.84
N ILE B 117 5.31 27.38 -1.64
CA ILE B 117 6.71 27.34 -1.23
C ILE B 117 6.94 26.12 -0.35
N ASN B 118 7.74 25.20 -0.87
CA ASN B 118 8.10 23.96 -0.18
C ASN B 118 9.51 24.13 0.35
N ASP B 119 9.62 24.50 1.61
CA ASP B 119 10.94 24.78 2.16
C ASP B 119 11.33 23.79 3.25
N ILE B 120 12.35 22.99 2.95
CA ILE B 120 12.83 21.97 3.88
C ILE B 120 13.57 22.59 5.09
N ARG B 121 13.94 23.86 4.97
CA ARG B 121 14.60 24.56 6.07
C ARG B 121 13.65 25.51 6.81
N SER B 122 12.36 25.42 6.48
CA SER B 122 11.31 26.17 7.19
C SER B 122 11.61 27.69 7.29
N LEU B 123 11.97 28.27 6.14
CA LEU B 123 12.21 29.71 6.00
C LEU B 123 13.27 30.29 6.95
N GLN B 124 14.24 29.47 7.35
CA GLN B 124 15.26 29.89 8.32
C GLN B 124 16.48 30.58 7.69
N GLU B 125 16.69 30.40 6.38
CA GLU B 125 17.77 31.08 5.67
C GLU B 125 17.55 32.61 5.72
N PRO B 126 18.65 33.38 5.75
CA PRO B 126 18.53 34.83 5.82
C PRO B 126 17.62 35.39 4.72
N GLY B 127 16.64 36.21 5.13
CA GLY B 127 15.70 36.83 4.20
C GLY B 127 14.59 35.95 3.62
N ALA B 128 14.64 34.65 3.90
CA ALA B 128 13.66 33.70 3.34
C ALA B 128 12.25 33.88 3.89
N LEU B 129 12.16 34.19 5.18
CA LEU B 129 10.89 34.38 5.86
C LEU B 129 10.17 35.60 5.31
N GLU B 130 10.92 36.69 5.16
CA GLU B 130 10.40 37.95 4.64
C GLU B 130 10.00 37.84 3.17
N ALA B 131 10.81 37.12 2.38
CA ALA B 131 10.53 36.91 0.96
C ALA B 131 9.24 36.11 0.78
N ALA B 132 9.09 35.05 1.57
CA ALA B 132 7.89 34.21 1.55
C ALA B 132 6.64 34.99 1.96
N ALA B 133 6.79 35.86 2.96
CA ALA B 133 5.70 36.72 3.41
C ALA B 133 5.18 37.59 2.27
N LYS B 134 6.11 38.24 1.56
CA LYS B 134 5.79 39.20 0.50
C LYS B 134 5.12 38.59 -0.73
N THR B 135 5.12 37.26 -0.84
CA THR B 135 4.43 36.57 -1.93
C THR B 135 2.95 36.30 -1.59
N GLY B 136 2.68 36.05 -0.30
CA GLY B 136 1.34 35.69 0.15
C GLY B 136 0.97 34.23 -0.11
N LEU B 137 1.91 33.47 -0.67
CA LEU B 137 1.67 32.09 -1.06
C LEU B 137 1.68 31.11 0.12
N PRO B 138 0.95 29.99 0.00
CA PRO B 138 1.06 28.92 0.98
C PRO B 138 2.51 28.45 1.14
N VAL B 139 2.87 28.06 2.35
CA VAL B 139 4.22 27.59 2.65
C VAL B 139 4.14 26.26 3.37
N CYS B 140 4.95 25.29 2.92
CA CYS B 140 5.13 24.05 3.66
C CYS B 140 6.36 24.15 4.53
N LEU B 141 6.19 23.87 5.82
CA LEU B 141 7.27 23.91 6.81
C LEU B 141 7.68 22.49 7.19
N MET B 142 8.94 22.14 6.92
CA MET B 142 9.41 20.77 7.17
C MET B 142 10.35 20.67 8.38
N HIS B 143 10.17 19.61 9.17
CA HIS B 143 11.06 19.30 10.30
C HIS B 143 12.35 18.64 9.83
N MET B 144 13.47 19.14 10.34
CA MET B 144 14.78 18.55 10.11
C MET B 144 15.64 18.75 11.35
N GLN B 145 16.37 17.71 11.75
CA GLN B 145 17.37 17.85 12.80
C GLN B 145 18.74 17.92 12.14
N GLY B 146 19.46 19.01 12.42
CA GLY B 146 20.75 19.26 11.79
C GLY B 146 20.59 19.89 10.41
N GLN B 147 21.58 19.65 9.55
CA GLN B 147 21.58 20.13 8.17
C GLN B 147 22.00 18.96 7.28
N PRO B 148 21.58 18.95 6.00
CA PRO B 148 21.86 17.86 5.08
C PRO B 148 23.27 17.26 5.18
N LYS B 149 24.27 18.11 5.43
CA LYS B 149 25.65 17.67 5.57
C LYS B 149 25.87 16.73 6.77
N ASN B 150 25.17 16.99 7.89
CA ASN B 150 25.40 16.27 9.14
C ASN B 150 24.18 15.58 9.76
N MET B 151 23.00 15.83 9.20
CA MET B 151 21.75 15.33 9.77
C MET B 151 21.76 13.82 10.09
N GLN B 152 22.44 13.02 9.26
CA GLN B 152 22.47 11.58 9.46
C GLN B 152 23.64 11.07 10.32
N HIS B 153 24.40 12.01 10.89
CA HIS B 153 25.41 11.67 11.88
C HIS B 153 24.72 11.57 13.24
N SER B 154 24.52 10.33 13.70
CA SER B 154 23.82 10.04 14.97
C SER B 154 22.55 10.88 15.24
N PRO B 155 21.46 10.61 14.50
CA PRO B 155 20.19 11.23 14.88
C PRO B 155 19.78 10.77 16.29
N TYR B 156 19.39 11.71 17.14
CA TYR B 156 18.94 11.40 18.51
C TYR B 156 17.73 12.24 18.96
N TYR B 157 16.80 11.58 19.66
CA TYR B 157 15.62 12.23 20.24
C TYR B 157 15.22 11.59 21.56
N ASP B 158 14.97 12.42 22.57
CA ASP B 158 14.39 11.94 23.83
C ASP B 158 12.99 11.41 23.53
N ASP B 159 12.15 12.24 22.93
CA ASP B 159 10.92 11.80 22.29
C ASP B 159 10.78 12.47 20.92
N LEU B 160 10.72 11.66 19.88
CA LEU B 160 10.68 12.16 18.50
C LEU B 160 9.45 13.02 18.21
N MET B 161 8.27 12.54 18.56
CA MET B 161 7.02 13.25 18.28
C MET B 161 6.93 14.58 19.05
N THR B 162 7.37 14.57 20.30
CA THR B 162 7.44 15.80 21.11
C THR B 162 8.30 16.87 20.44
N ASP B 163 9.49 16.48 19.98
CA ASP B 163 10.39 17.41 19.31
C ASP B 163 9.74 17.99 18.05
N ILE B 164 9.14 17.12 17.24
CA ILE B 164 8.49 17.53 16.00
C ILE B 164 7.38 18.57 16.29
N ASN B 165 6.51 18.26 17.24
CA ASN B 165 5.47 19.21 17.69
C ASN B 165 6.03 20.57 18.11
N ARG B 166 7.09 20.54 18.92
CA ARG B 166 7.73 21.76 19.43
C ARG B 166 8.35 22.56 18.30
N PHE B 167 8.93 21.85 17.34
CA PHE B 167 9.51 22.48 16.16
C PHE B 167 8.42 23.20 15.38
N PHE B 168 7.31 22.50 15.12
CA PHE B 168 6.19 23.07 14.36
C PHE B 168 5.54 24.25 15.08
N GLN B 169 5.31 24.10 16.39
CA GLN B 169 4.74 25.18 17.19
C GLN B 169 5.55 26.48 17.04
N HIS B 170 6.88 26.35 17.15
CA HIS B 170 7.78 27.49 17.06
C HIS B 170 7.78 28.17 15.68
N HIS B 171 7.75 27.37 14.62
CA HIS B 171 7.85 27.93 13.27
C HIS B 171 6.51 28.40 12.71
N ILE B 172 5.42 27.84 13.22
CA ILE B 172 4.08 28.36 12.96
C ILE B 172 3.99 29.78 13.52
N GLU B 173 4.49 29.95 14.75
CA GLU B 173 4.56 31.27 15.41
C GLU B 173 5.43 32.27 14.64
N ARG B 174 6.62 31.84 14.22
CA ARG B 174 7.50 32.68 13.38
C ARG B 174 6.81 33.19 12.12
N CYS B 175 6.02 32.33 11.49
CA CYS B 175 5.32 32.69 10.24
C CYS B 175 4.16 33.66 10.48
N VAL B 176 3.32 33.34 11.46
CA VAL B 176 2.19 34.19 11.85
C VAL B 176 2.66 35.60 12.22
N ALA B 177 3.69 35.68 13.07
CA ALA B 177 4.29 36.96 13.46
C ALA B 177 4.77 37.77 12.26
N ALA B 178 5.37 37.10 11.27
CA ALA B 178 5.89 37.76 10.08
C ALA B 178 4.81 38.11 9.04
N GLY B 179 3.55 37.74 9.33
CA GLY B 179 2.44 38.12 8.49
C GLY B 179 1.84 37.01 7.64
N ILE B 180 2.41 35.82 7.73
CA ILE B 180 1.85 34.66 7.04
C ILE B 180 0.77 34.03 7.93
N ALA B 181 -0.47 34.07 7.46
CA ALA B 181 -1.61 33.53 8.20
C ALA B 181 -1.53 32.02 8.35
N LYS B 182 -1.99 31.51 9.51
CA LYS B 182 -1.94 30.08 9.82
C LYS B 182 -2.55 29.21 8.73
N ASN B 183 -3.74 29.59 8.25
CA ASN B 183 -4.46 28.80 7.23
C ASN B 183 -3.72 28.63 5.89
N LYS B 184 -2.60 29.32 5.74
CA LYS B 184 -1.74 29.21 4.55
C LYS B 184 -0.53 28.27 4.78
N LEU B 185 -0.53 27.59 5.93
CA LEU B 185 0.60 26.74 6.29
C LEU B 185 0.32 25.24 6.16
N LEU B 186 1.35 24.52 5.70
CA LEU B 186 1.36 23.07 5.63
C LEU B 186 2.54 22.52 6.44
N LEU B 187 2.36 21.34 7.02
CA LEU B 187 3.38 20.75 7.88
C LEU B 187 3.90 19.42 7.35
N ASP B 188 5.22 19.27 7.32
CA ASP B 188 5.87 18.04 6.86
C ASP B 188 6.87 17.58 7.92
N PRO B 189 6.69 16.36 8.47
CA PRO B 189 7.58 15.89 9.54
C PRO B 189 8.99 15.50 9.06
N GLY B 190 9.23 15.56 7.75
CA GLY B 190 10.56 15.38 7.18
C GLY B 190 11.18 14.01 7.38
N PHE B 191 10.62 13.00 6.71
CA PHE B 191 11.18 11.66 6.73
C PHE B 191 12.59 11.66 6.15
N GLY B 192 13.50 10.94 6.80
CA GLY B 192 14.89 10.85 6.37
C GLY B 192 15.77 12.06 6.66
N PHE B 193 15.19 13.09 7.28
CA PHE B 193 15.94 14.31 7.60
C PHE B 193 16.31 14.35 9.07
N GLY B 194 17.48 13.81 9.40
CA GLY B 194 17.97 13.78 10.79
C GLY B 194 17.21 12.77 11.62
N LYS B 195 16.95 11.60 11.01
CA LYS B 195 16.14 10.53 11.60
C LYS B 195 16.71 9.20 11.12
N ASN B 196 16.92 8.26 12.04
CA ASN B 196 17.37 6.92 11.68
C ASN B 196 16.21 6.02 11.27
N LEU B 197 16.49 4.77 10.93
CA LEU B 197 15.45 3.83 10.50
C LEU B 197 14.31 3.73 11.51
N ALA B 198 14.67 3.55 12.78
CA ALA B 198 13.68 3.44 13.86
C ALA B 198 12.84 4.71 13.98
N HIS B 199 13.49 5.87 13.94
CA HIS B 199 12.78 7.15 14.02
C HIS B 199 11.75 7.29 12.89
N ASN B 200 12.17 6.96 11.66
CA ASN B 200 11.30 7.09 10.51
C ASN B 200 10.01 6.28 10.63
N TYR B 201 10.13 5.04 11.10
CA TYR B 201 8.96 4.16 11.24
C TYR B 201 8.14 4.41 12.50
N GLN B 202 8.79 4.99 13.50
CA GLN B 202 8.09 5.52 14.67
C GLN B 202 7.22 6.70 14.22
N LEU B 203 7.83 7.62 13.48
CA LEU B 203 7.12 8.76 12.94
C LEU B 203 5.93 8.29 12.10
N LEU B 204 6.18 7.35 11.18
CA LEU B 204 5.12 6.85 10.31
C LEU B 204 3.98 6.22 11.09
N ALA B 205 4.31 5.43 12.12
CA ALA B 205 3.29 4.79 12.96
C ALA B 205 2.48 5.81 13.77
N HIS B 206 3.08 6.95 14.08
CA HIS B 206 2.43 7.94 14.93
C HIS B 206 1.99 9.19 14.16
N LEU B 207 2.01 9.11 12.83
CA LEU B 207 1.75 10.27 11.98
C LEU B 207 0.44 11.03 12.27
N SER B 208 -0.64 10.30 12.58
CA SER B 208 -1.95 10.94 12.80
C SER B 208 -1.97 11.95 13.97
N GLU B 209 -1.02 11.82 14.89
CA GLU B 209 -0.93 12.74 16.04
C GLU B 209 -0.74 14.19 15.62
N LEU B 210 -0.12 14.40 14.47
CA LEU B 210 0.19 15.75 13.98
C LEU B 210 -1.02 16.50 13.43
N HIS B 211 -2.15 15.80 13.30
CA HIS B 211 -3.41 16.42 12.88
C HIS B 211 -3.94 17.46 13.88
N HIS B 212 -3.39 17.44 15.10
CA HIS B 212 -3.85 18.32 16.18
C HIS B 212 -3.59 19.81 15.89
N PHE B 213 -2.74 20.10 14.91
CA PHE B 213 -2.48 21.48 14.52
C PHE B 213 -3.56 22.00 13.58
N GLU B 214 -4.34 21.07 13.03
CA GLU B 214 -5.42 21.37 12.08
C GLU B 214 -4.89 22.04 10.82
N LEU B 215 -3.74 21.55 10.37
CA LEU B 215 -3.10 22.02 9.16
C LEU B 215 -2.82 20.83 8.27
N PRO B 216 -2.86 21.02 6.94
CA PRO B 216 -2.62 19.90 6.03
C PRO B 216 -1.23 19.31 6.25
N LEU B 217 -1.15 17.98 6.18
CA LEU B 217 0.13 17.31 6.29
C LEU B 217 0.61 16.92 4.92
N LEU B 218 1.89 17.20 4.67
CA LEU B 218 2.58 16.76 3.47
C LEU B 218 3.66 15.79 3.94
N VAL B 219 3.86 14.71 3.19
CA VAL B 219 4.88 13.73 3.55
C VAL B 219 5.67 13.29 2.34
N GLY B 220 6.94 13.00 2.56
CA GLY B 220 7.84 12.59 1.49
C GLY B 220 8.70 11.42 1.90
N MET B 221 8.33 10.24 1.45
CA MET B 221 9.07 9.02 1.78
C MET B 221 9.58 8.33 0.53
N SER B 222 9.14 8.81 -0.63
CA SER B 222 9.40 8.20 -1.93
C SER B 222 10.85 7.84 -2.19
N ARG B 223 11.11 6.53 -2.33
CA ARG B 223 12.42 5.98 -2.69
C ARG B 223 13.53 6.18 -1.66
N LYS B 224 13.18 6.68 -0.47
CA LYS B 224 14.18 7.02 0.54
C LYS B 224 14.83 5.79 1.19
N SER B 225 15.90 6.02 1.95
CA SER B 225 16.64 4.94 2.60
C SER B 225 15.79 4.19 3.63
N MET B 226 14.81 4.85 4.24
CA MET B 226 13.85 4.12 5.10
C MET B 226 13.15 2.97 4.36
N VAL B 227 13.07 3.06 3.04
CA VAL B 227 12.59 1.94 2.24
C VAL B 227 13.79 1.08 1.82
N GLY B 228 14.84 1.74 1.33
CA GLY B 228 16.04 1.05 0.84
C GLY B 228 16.66 0.07 1.82
N GLN B 229 16.73 0.48 3.09
CA GLN B 229 17.38 -0.34 4.12
C GLN B 229 16.59 -1.60 4.43
N LEU B 230 15.26 -1.53 4.25
CA LEU B 230 14.41 -2.68 4.47
C LEU B 230 14.38 -3.63 3.27
N LEU B 231 14.32 -3.07 2.07
CA LEU B 231 14.13 -3.88 0.88
C LEU B 231 15.42 -4.30 0.15
N ASN B 232 16.54 -3.63 0.41
CA ASN B 232 17.80 -3.96 -0.26
C ASN B 232 17.68 -3.98 -1.78
N VAL B 233 17.03 -2.94 -2.29
CA VAL B 233 16.95 -2.72 -3.72
C VAL B 233 17.33 -1.27 -3.96
N PRO B 234 17.87 -0.96 -5.16
CA PRO B 234 18.29 0.40 -5.51
C PRO B 234 17.10 1.37 -5.63
N PRO B 235 17.38 2.70 -5.59
CA PRO B 235 16.33 3.71 -5.50
C PRO B 235 15.14 3.53 -6.45
N GLN B 236 15.40 3.18 -7.72
CA GLN B 236 14.34 2.97 -8.73
C GLN B 236 13.48 1.76 -8.53
N GLN B 237 13.96 0.81 -7.73
CA GLN B 237 13.19 -0.40 -7.48
C GLN B 237 12.35 -0.28 -6.24
N ARG B 238 12.28 0.93 -5.68
CA ARG B 238 11.65 1.14 -4.39
C ARG B 238 10.20 1.59 -4.51
N VAL B 239 9.61 1.39 -5.69
CA VAL B 239 8.26 1.89 -5.96
C VAL B 239 7.23 1.28 -4.99
N ILE B 240 7.24 -0.04 -4.87
CA ILE B 240 6.28 -0.74 -4.03
C ILE B 240 6.42 -0.34 -2.55
N GLY B 241 7.66 -0.32 -2.06
CA GLY B 241 7.92 0.10 -0.69
C GLY B 241 7.44 1.53 -0.46
N SER B 242 7.71 2.40 -1.44
CA SER B 242 7.29 3.80 -1.39
C SER B 242 5.76 3.93 -1.37
N VAL B 243 5.09 3.16 -2.23
CA VAL B 243 3.62 3.15 -2.27
C VAL B 243 3.05 2.63 -0.96
N ALA B 244 3.68 1.60 -0.38
CA ALA B 244 3.23 1.06 0.90
C ALA B 244 3.28 2.14 2.00
N CYS B 245 4.36 2.92 2.03
CA CYS B 245 4.48 4.05 2.95
C CYS B 245 3.40 5.11 2.70
N ALA B 246 3.13 5.37 1.43
CA ALA B 246 2.11 6.35 1.04
C ALA B 246 0.72 5.91 1.51
N VAL B 247 0.42 4.63 1.38
CA VAL B 247 -0.88 4.09 1.82
C VAL B 247 -1.03 4.19 3.33
N ILE B 248 -0.01 3.75 4.06
CA ILE B 248 0.01 3.88 5.52
C ILE B 248 -0.22 5.34 5.96
N ALA B 249 0.46 6.28 5.30
CA ALA B 249 0.34 7.70 5.64
C ALA B 249 -1.04 8.25 5.33
N ALA B 250 -1.60 7.85 4.19
CA ALA B 250 -2.87 8.38 3.74
C ALA B 250 -4.05 7.77 4.52
N MET B 251 -3.89 6.55 4.99
CA MET B 251 -4.90 5.92 5.84
C MET B 251 -5.03 6.65 7.18
N GLN B 252 -3.95 7.31 7.58
CA GLN B 252 -3.95 8.16 8.76
C GLN B 252 -4.30 9.60 8.41
N GLY B 253 -4.79 9.83 7.19
CA GLY B 253 -5.31 11.14 6.81
C GLY B 253 -4.32 12.18 6.31
N ALA B 254 -3.07 11.80 6.05
CA ALA B 254 -2.12 12.70 5.41
C ALA B 254 -2.69 13.13 4.07
N GLN B 255 -2.65 14.42 3.76
CA GLN B 255 -3.37 14.96 2.61
C GLN B 255 -2.54 15.07 1.34
N ILE B 256 -1.24 15.30 1.48
CA ILE B 256 -0.39 15.43 0.31
C ILE B 256 0.76 14.46 0.36
N ILE B 257 0.96 13.74 -0.73
CA ILE B 257 2.00 12.73 -0.81
C ILE B 257 2.97 13.09 -1.93
N ARG B 258 4.21 13.36 -1.53
CA ARG B 258 5.25 13.79 -2.46
C ARG B 258 6.02 12.57 -2.96
N VAL B 259 5.90 12.30 -4.26
CA VAL B 259 6.39 11.04 -4.83
C VAL B 259 7.07 11.20 -6.20
N HIS B 260 7.96 10.27 -6.51
CA HIS B 260 8.57 10.17 -7.84
C HIS B 260 7.64 9.41 -8.78
N ASP B 261 6.98 8.38 -8.26
CA ASP B 261 6.16 7.50 -9.09
C ASP B 261 4.68 7.83 -8.96
N VAL B 262 4.24 8.81 -9.75
CA VAL B 262 2.89 9.37 -9.63
C VAL B 262 1.77 8.38 -9.95
N LYS B 263 1.85 7.71 -11.10
CA LYS B 263 0.79 6.81 -11.53
C LYS B 263 0.47 5.76 -10.46
N GLU B 264 1.50 5.09 -9.99
CA GLU B 264 1.38 4.10 -8.94
C GLU B 264 0.73 4.69 -7.68
N THR B 265 1.22 5.85 -7.24
CA THR B 265 0.72 6.48 -6.02
C THR B 265 -0.77 6.88 -6.13
N VAL B 266 -1.14 7.47 -7.27
CA VAL B 266 -2.53 7.85 -7.55
C VAL B 266 -3.46 6.63 -7.49
N GLU B 267 -3.08 5.52 -8.13
CA GLU B 267 -3.87 4.29 -8.06
C GLU B 267 -4.07 3.83 -6.61
N ALA B 268 -2.99 3.82 -5.84
CA ALA B 268 -3.04 3.46 -4.43
C ALA B 268 -3.96 4.39 -3.64
N MET B 269 -3.87 5.69 -3.93
CA MET B 269 -4.71 6.69 -3.26
C MET B 269 -6.20 6.51 -3.53
N CYS B 270 -6.53 6.05 -4.75
CA CYS B 270 -7.91 5.70 -5.10
CA CYS B 270 -7.89 5.72 -5.10
C CYS B 270 -8.45 4.61 -4.20
N ILE B 271 -7.63 3.57 -3.96
CA ILE B 271 -8.00 2.49 -3.03
C ILE B 271 -8.17 3.04 -1.60
N VAL B 272 -7.23 3.88 -1.16
CA VAL B 272 -7.30 4.54 0.16
C VAL B 272 -8.59 5.35 0.32
N GLU B 273 -8.90 6.15 -0.70
CA GLU B 273 -10.10 6.98 -0.69
C GLU B 273 -11.39 6.15 -0.61
N ALA B 274 -11.48 5.08 -1.39
CA ALA B 274 -12.63 4.16 -1.35
C ALA B 274 -12.83 3.54 0.04
N THR B 275 -11.72 3.18 0.69
CA THR B 275 -11.74 2.60 2.04
C THR B 275 -12.17 3.62 3.10
N ARG B 276 -11.59 4.83 3.07
CA ARG B 276 -11.89 5.86 4.07
C ARG B 276 -13.33 6.35 4.01
N SER B 277 -13.87 6.45 2.80
CA SER B 277 -15.22 6.97 2.61
C SER B 277 -16.29 5.89 2.80
N ALA B 278 -15.86 4.64 2.98
CA ALA B 278 -16.76 3.54 3.34
C ALA B 278 -16.97 3.50 4.85
N LYS B 279 -17.45 4.62 5.42
CA LYS B 279 -17.45 4.92 6.88
C LYS B 279 -16.27 4.33 7.69
N1 XHP C . -9.85 -18.33 -1.29
C2 XHP C . -9.92 -17.57 -0.24
N2 XHP C . -9.72 -18.11 0.94
N3 XHP C . -10.19 -16.24 -0.31
C4 XHP C . -10.43 -15.58 -1.47
O4 XHP C . -10.68 -14.38 -1.49
N5 XHP C . -10.58 -15.79 -3.85
C6 XHP C . -10.53 -16.59 -5.04
C7 XHP C . -10.24 -18.07 -4.99
N8 XHP C . -10.02 -18.55 -3.63
C9 XHP C . -10.08 -17.78 -2.60
C10 XHP C . -10.38 -16.35 -2.73
C6A XHP C . -10.74 -16.02 -6.22
P1 POP D . -10.33 -17.86 -9.65
O1 POP D . -11.46 -18.24 -8.74
O2 POP D . -9.40 -19.06 -9.79
O3 POP D . -10.88 -17.52 -11.01
O POP D . -9.54 -16.57 -9.04
P2 POP D . -8.12 -16.65 -8.24
O4 POP D . -6.98 -16.37 -9.19
O5 POP D . -8.03 -18.01 -7.61
O6 POP D . -8.04 -15.60 -7.17
C1' PAB E . -13.62 -10.65 -8.28
O1' PAB E . -14.28 -9.87 -7.58
O2' PAB E . -12.93 -10.18 -9.33
C1 PAB E . -13.58 -12.11 -7.98
C2 PAB E . -14.41 -12.66 -7.00
C3 PAB E . -14.37 -14.02 -6.72
C4 PAB E . -13.49 -14.84 -7.44
C5 PAB E . -12.65 -14.31 -8.41
C6 PAB E . -12.69 -12.94 -8.68
N4 PAB E . -13.45 -16.16 -7.15
MG MG F . -8.21 -20.04 -8.40
N1 XHP G . 10.23 18.26 0.62
C2 XHP G . 9.34 17.92 1.48
N2 XHP G . 8.40 18.77 1.75
N3 XHP G . 9.35 16.72 2.13
C4 XHP G . 10.30 15.77 1.91
O4 XHP G . 10.26 14.72 2.52
N5 XHP G . 12.27 15.23 0.68
C6 XHP G . 13.29 15.55 -0.28
C7 XHP G . 13.29 16.87 -1.00
N8 XHP G . 12.18 17.73 -0.60
C9 XHP G . 11.30 17.36 0.26
C10 XHP G . 11.35 16.07 0.94
C6A XHP G . 14.23 14.66 -0.52
P1 POP H . 14.28 14.14 -3.86
O1 POP H . 14.11 13.32 -5.10
O2 POP H . 13.96 15.59 -4.16
O3 POP H . 13.29 13.60 -2.85
O POP H . 15.78 13.97 -3.28
P2 POP H . 16.94 15.09 -3.46
O4 POP H . 17.01 15.91 -2.19
O5 POP H . 16.65 15.98 -4.65
O6 POP H . 18.27 14.42 -3.71
C1' PAB I . 16.82 9.41 2.27
O1' PAB I . 17.07 8.54 1.45
O2' PAB I . 16.53 9.04 3.51
C1 PAB I . 16.81 10.86 1.88
C2 PAB I . 17.01 11.20 0.54
C3 PAB I . 17.00 12.55 0.17
C4 PAB I . 16.79 13.53 1.15
C5 PAB I . 16.59 13.18 2.49
C6 PAB I . 16.60 11.84 2.86
N4 PAB I . 16.79 14.83 0.79
MG MG J . 14.98 17.17 -4.80
#